data_2BHJ
#
_entry.id   2BHJ
#
_cell.length_a   213.540
_cell.length_b   213.540
_cell.length_c   115.030
_cell.angle_alpha   90.00
_cell.angle_beta   90.00
_cell.angle_gamma   120.00
#
_symmetry.space_group_name_H-M   'P 61 2 2'
#
loop_
_entity.id
_entity.type
_entity.pdbx_description
1 polymer 'NITRIC OXIDE SYNTHASE'
2 non-polymer THIOCOUMARIN
3 non-polymer 'PROTOPORPHYRIN IX CONTAINING FE'
4 non-polymer 7,8-DIHYDROBIOPTERIN
5 water water
#
_entity_poly.entity_id   1
_entity_poly.type   'polypeptide(L)'
_entity_poly.pdbx_seq_one_letter_code
;QYVRIKNWGSGEILHDTLHHKATSDFTCKSKSCLGSIMNPKSLTRGPRDKPTPLEELLPHAIEFINQYYGSFKEAKIEEH
LARLEAVTKEIETTGTYQLTLDELIFATKMAWRNAPRCIGRIQWSNLQVFDARNCSTAQEMFQHICRHILYATNNGNIRS
AITVFPQRSDGKHDFRLWNSQLIRYAGYQMPDGTIRGDAATLEFTQLCIDLGWKPRYGRFDVLPLVLQADGQDPEVFEIP
PDLVLEVTMEHPKYEWFQELGLKWYALPAVANMLLEVGGLEFPACPFNGWYMGTEIGVRDFCDTQRYNILEEVGRRMGLE
THTLASLWKDRAVTEINVAVLHSFQKQNVTIMDHHTASESFMKHMQNEYRARGGCPADWIWLVPPVSGSITPVFHQEMLN
YVLSPFYYYQIEPWKTHIWQNE
;
_entity_poly.pdbx_strand_id   A
#
# COMPACT_ATOMS: atom_id res chain seq x y z
N GLN A 1 13.71 19.80 -17.97
CA GLN A 1 14.88 19.19 -18.66
C GLN A 1 15.77 18.36 -17.72
N TYR A 2 15.72 18.65 -16.42
CA TYR A 2 16.57 17.94 -15.46
C TYR A 2 15.93 16.87 -14.55
N VAL A 3 15.76 15.66 -15.08
CA VAL A 3 15.16 14.60 -14.28
C VAL A 3 15.68 14.61 -12.85
N ARG A 4 14.81 15.00 -11.92
CA ARG A 4 15.16 15.05 -10.51
C ARG A 4 15.14 13.60 -10.02
N ILE A 5 16.01 13.29 -9.08
CA ILE A 5 16.08 11.95 -8.49
C ILE A 5 16.49 12.16 -7.05
N LYS A 6 15.91 11.38 -6.15
CA LYS A 6 16.24 11.51 -4.74
C LYS A 6 16.70 10.21 -4.12
N ASN A 7 17.63 10.33 -3.17
CA ASN A 7 18.10 9.17 -2.45
C ASN A 7 17.22 9.20 -1.23
N TRP A 8 16.31 8.24 -1.13
CA TRP A 8 15.41 8.21 0.01
C TRP A 8 16.19 8.33 1.30
N GLY A 9 16.62 7.21 1.86
CA GLY A 9 17.38 7.23 3.10
C GLY A 9 17.92 8.57 3.55
N SER A 10 18.76 9.21 2.73
CA SER A 10 19.35 10.50 3.10
C SER A 10 18.48 11.72 2.83
N GLY A 11 17.45 11.56 2.01
CA GLY A 11 16.57 12.67 1.70
C GLY A 11 17.27 13.67 0.81
N GLU A 12 18.31 13.21 0.15
CA GLU A 12 19.07 14.05 -0.76
C GLU A 12 18.48 13.95 -2.15
N ILE A 13 18.62 15.02 -2.93
CA ILE A 13 18.07 15.07 -4.29
C ILE A 13 19.03 15.74 -5.25
N LEU A 14 19.12 15.20 -6.47
CA LEU A 14 20.00 15.76 -7.50
C LEU A 14 19.31 15.71 -8.84
N HIS A 15 19.60 16.70 -9.68
CA HIS A 15 19.00 16.78 -11.01
C HIS A 15 19.97 16.23 -12.05
N ASP A 16 19.52 15.24 -12.82
CA ASP A 16 20.36 14.63 -13.83
C ASP A 16 20.32 15.33 -15.19
N THR A 17 21.46 15.89 -15.59
CA THR A 17 21.57 16.56 -16.89
C THR A 17 22.01 15.49 -17.88
N LEU A 18 23.30 15.17 -17.80
CA LEU A 18 23.99 14.18 -18.62
C LEU A 18 23.17 13.16 -19.41
N HIS A 19 22.04 12.73 -18.87
CA HIS A 19 21.21 11.73 -19.57
C HIS A 19 20.78 12.21 -20.95
N HIS A 20 20.89 13.51 -21.19
CA HIS A 20 20.53 14.08 -22.48
C HIS A 20 21.49 13.56 -23.53
N LYS A 21 22.77 13.48 -23.17
CA LYS A 21 23.79 13.00 -24.08
C LYS A 21 23.57 11.51 -24.36
N ALA A 22 22.37 11.02 -24.07
CA ALA A 22 22.02 9.62 -24.26
C ALA A 22 22.04 9.17 -25.73
N THR A 23 22.51 7.96 -25.99
CA THR A 23 22.61 7.43 -27.34
C THR A 23 21.21 7.17 -27.92
N SER A 24 20.27 6.88 -27.02
CA SER A 24 18.86 6.56 -27.32
C SER A 24 18.72 5.39 -28.30
N CYS A 33 15.51 4.23 -19.54
CA CYS A 33 14.38 3.98 -18.61
C CYS A 33 14.68 4.53 -17.22
N LEU A 34 13.61 4.83 -16.47
CA LEU A 34 13.73 5.35 -15.12
C LEU A 34 13.10 4.33 -14.16
N GLY A 35 13.50 3.07 -14.30
CA GLY A 35 12.95 2.00 -13.48
C GLY A 35 13.17 2.01 -11.98
N SER A 36 14.22 2.67 -11.50
CA SER A 36 14.50 2.69 -10.08
C SER A 36 13.84 3.86 -9.34
N ILE A 37 13.03 4.63 -10.04
CA ILE A 37 12.34 5.74 -9.40
C ILE A 37 11.12 5.18 -8.67
N MET A 38 10.73 5.86 -7.60
CA MET A 38 9.62 5.41 -6.77
C MET A 38 8.23 5.76 -7.25
N ASN A 39 7.99 7.07 -7.43
CA ASN A 39 6.69 7.54 -7.86
C ASN A 39 6.72 8.22 -9.23
N PRO A 40 6.76 7.42 -10.30
CA PRO A 40 6.79 8.06 -11.61
C PRO A 40 5.37 8.53 -11.92
N LYS A 41 5.24 9.65 -12.63
CA LYS A 41 3.91 10.14 -12.98
C LYS A 41 3.23 9.01 -13.76
N SER A 42 4.04 8.16 -14.36
CA SER A 42 3.55 7.02 -15.15
C SER A 42 2.79 5.99 -14.34
N LEU A 43 2.68 6.24 -13.03
CA LEU A 43 2.03 5.32 -12.09
C LEU A 43 1.10 6.01 -11.11
N THR A 44 0.54 7.15 -11.50
CA THR A 44 -0.35 7.90 -10.62
C THR A 44 -1.69 8.23 -11.26
N ARG A 45 -2.39 9.17 -10.64
CA ARG A 45 -3.68 9.63 -11.11
C ARG A 45 -4.10 10.75 -10.17
N GLY A 46 -3.75 11.96 -10.55
CA GLY A 46 -4.07 13.10 -9.71
C GLY A 46 -5.48 13.60 -9.80
N PRO A 47 -5.72 14.84 -9.32
CA PRO A 47 -7.02 15.48 -9.31
C PRO A 47 -7.67 15.70 -10.68
N ARG A 48 -8.84 16.32 -10.62
CA ARG A 48 -9.63 16.65 -11.80
C ARG A 48 -10.47 17.83 -11.35
N ASP A 49 -11.14 18.48 -12.30
CA ASP A 49 -11.98 19.61 -11.96
C ASP A 49 -13.28 19.51 -12.71
N LYS A 50 -13.38 18.47 -13.52
CA LYS A 50 -14.56 18.22 -14.31
C LYS A 50 -14.59 16.75 -14.62
N PRO A 51 -15.79 16.18 -14.82
CA PRO A 51 -15.99 14.77 -15.12
C PRO A 51 -15.03 14.18 -16.13
N THR A 52 -15.43 13.08 -16.75
CA THR A 52 -14.53 12.42 -17.69
C THR A 52 -15.01 12.26 -19.12
N PRO A 53 -14.49 13.11 -20.02
CA PRO A 53 -14.82 13.12 -21.45
C PRO A 53 -15.39 11.83 -21.98
N LEU A 54 -16.71 11.83 -22.18
CA LEU A 54 -17.45 10.66 -22.66
C LEU A 54 -16.68 9.79 -23.63
N GLU A 55 -16.02 10.44 -24.59
CA GLU A 55 -15.26 9.74 -25.61
C GLU A 55 -14.23 8.85 -24.94
N GLU A 56 -13.65 9.36 -23.87
CA GLU A 56 -12.64 8.64 -23.10
C GLU A 56 -13.30 7.53 -22.33
N LEU A 57 -14.23 7.92 -21.46
CA LEU A 57 -14.95 7.00 -20.60
C LEU A 57 -15.64 5.84 -21.33
N LEU A 58 -16.60 6.19 -22.17
CA LEU A 58 -17.39 5.21 -22.91
C LEU A 58 -16.68 3.98 -23.48
N PRO A 59 -15.53 4.16 -24.15
CA PRO A 59 -14.76 3.06 -24.76
C PRO A 59 -14.08 2.18 -23.75
N HIS A 60 -13.70 2.78 -22.63
CA HIS A 60 -13.04 2.07 -21.54
C HIS A 60 -14.08 1.12 -20.93
N ALA A 61 -15.18 1.70 -20.50
CA ALA A 61 -16.27 0.95 -19.91
C ALA A 61 -16.58 -0.27 -20.78
N ILE A 62 -16.72 -0.05 -22.09
CA ILE A 62 -17.02 -1.15 -22.99
C ILE A 62 -15.98 -2.23 -22.79
N GLU A 63 -14.71 -1.79 -22.76
CA GLU A 63 -13.58 -2.68 -22.59
C GLU A 63 -13.78 -3.54 -21.34
N PHE A 64 -13.93 -2.86 -20.21
CA PHE A 64 -14.12 -3.54 -18.94
C PHE A 64 -15.24 -4.57 -19.01
N ILE A 65 -16.48 -4.10 -19.09
CA ILE A 65 -17.63 -5.00 -19.16
C ILE A 65 -17.30 -6.22 -20.02
N ASN A 66 -16.55 -5.98 -21.09
CA ASN A 66 -16.17 -7.03 -22.00
C ASN A 66 -15.20 -8.01 -21.34
N GLN A 67 -14.25 -7.47 -20.59
CA GLN A 67 -13.27 -8.26 -19.85
C GLN A 67 -14.05 -9.13 -18.89
N TYR A 68 -14.91 -8.47 -18.11
CA TYR A 68 -15.77 -9.09 -17.13
C TYR A 68 -16.44 -10.34 -17.69
N TYR A 69 -17.44 -10.16 -18.57
CA TYR A 69 -18.15 -11.29 -19.13
C TYR A 69 -17.20 -12.28 -19.78
N GLY A 70 -15.92 -11.92 -19.81
CA GLY A 70 -14.93 -12.80 -20.40
C GLY A 70 -14.62 -13.94 -19.44
N SER A 71 -14.36 -13.59 -18.18
CA SER A 71 -14.03 -14.55 -17.13
C SER A 71 -14.78 -15.87 -17.20
N PHE A 72 -16.10 -15.81 -16.97
CA PHE A 72 -16.99 -16.97 -16.99
C PHE A 72 -16.48 -18.21 -17.71
N LYS A 73 -16.67 -19.36 -17.08
CA LYS A 73 -16.27 -20.62 -17.69
C LYS A 73 -17.39 -20.95 -18.67
N GLU A 74 -18.51 -20.24 -18.52
CA GLU A 74 -19.70 -20.37 -19.36
C GLU A 74 -20.15 -18.93 -19.63
N ALA A 75 -20.30 -18.58 -20.90
CA ALA A 75 -20.69 -17.21 -21.27
C ALA A 75 -22.14 -16.79 -21.12
N LYS A 76 -22.33 -15.56 -20.64
CA LYS A 76 -23.65 -14.95 -20.45
C LYS A 76 -23.88 -13.97 -21.61
N ILE A 77 -23.71 -14.47 -22.83
CA ILE A 77 -23.86 -13.67 -24.06
C ILE A 77 -24.88 -12.57 -23.95
N GLU A 78 -26.14 -12.98 -23.85
CA GLU A 78 -27.26 -12.07 -23.74
C GLU A 78 -26.93 -11.00 -22.70
N GLU A 79 -26.74 -11.44 -21.46
CA GLU A 79 -26.42 -10.53 -20.37
C GLU A 79 -25.25 -9.63 -20.76
N HIS A 80 -24.27 -10.21 -21.44
CA HIS A 80 -23.10 -9.49 -21.90
C HIS A 80 -23.54 -8.30 -22.76
N LEU A 81 -24.14 -8.60 -23.91
CA LEU A 81 -24.63 -7.57 -24.82
C LEU A 81 -25.51 -6.65 -23.97
N ALA A 82 -26.57 -7.25 -23.42
CA ALA A 82 -27.51 -6.53 -22.59
C ALA A 82 -26.80 -5.53 -21.69
N ARG A 83 -25.92 -6.04 -20.83
CA ARG A 83 -25.18 -5.20 -19.89
C ARG A 83 -24.49 -4.09 -20.67
N LEU A 84 -23.85 -4.46 -21.77
CA LEU A 84 -23.15 -3.50 -22.61
C LEU A 84 -24.04 -2.33 -22.98
N GLU A 85 -25.16 -2.63 -23.65
CA GLU A 85 -26.09 -1.58 -24.03
C GLU A 85 -26.48 -0.83 -22.76
N ALA A 86 -26.92 -1.59 -21.76
CA ALA A 86 -27.33 -1.03 -20.49
C ALA A 86 -26.40 0.08 -20.02
N VAL A 87 -25.10 -0.19 -20.08
CA VAL A 87 -24.11 0.79 -19.65
C VAL A 87 -24.06 2.00 -20.57
N THR A 88 -23.76 1.76 -21.84
CA THR A 88 -23.67 2.84 -22.84
C THR A 88 -24.80 3.80 -22.56
N LYS A 89 -26.01 3.26 -22.55
CA LYS A 89 -27.21 4.06 -22.28
C LYS A 89 -26.85 4.90 -21.07
N GLU A 90 -26.85 4.23 -19.92
CA GLU A 90 -26.53 4.83 -18.63
C GLU A 90 -25.46 5.91 -18.75
N ILE A 91 -24.40 5.59 -19.50
CA ILE A 91 -23.29 6.51 -19.70
C ILE A 91 -23.69 7.66 -20.60
N GLU A 92 -24.21 7.35 -21.79
CA GLU A 92 -24.61 8.38 -22.72
C GLU A 92 -25.54 9.40 -22.05
N THR A 93 -26.48 8.90 -21.24
CA THR A 93 -27.41 9.79 -20.56
C THR A 93 -26.78 10.64 -19.45
N THR A 94 -26.02 9.99 -18.56
CA THR A 94 -25.37 10.69 -17.44
C THR A 94 -23.87 10.86 -17.58
N GLY A 95 -23.27 10.00 -18.40
CA GLY A 95 -21.84 10.03 -18.58
C GLY A 95 -21.29 8.94 -17.69
N THR A 96 -21.30 9.19 -16.39
CA THR A 96 -20.82 8.23 -15.42
C THR A 96 -21.67 6.97 -15.41
N TYR A 97 -21.36 6.08 -14.48
CA TYR A 97 -22.11 4.84 -14.35
C TYR A 97 -21.62 4.05 -13.15
N GLN A 98 -22.44 3.09 -12.71
CA GLN A 98 -22.09 2.27 -11.56
C GLN A 98 -21.90 0.82 -11.97
N LEU A 99 -20.95 0.16 -11.33
CA LEU A 99 -20.71 -1.24 -11.63
C LEU A 99 -21.53 -2.07 -10.69
N THR A 100 -22.06 -3.18 -11.20
CA THR A 100 -22.84 -4.07 -10.37
C THR A 100 -21.80 -4.53 -9.35
N LEU A 101 -22.10 -4.39 -8.06
CA LEU A 101 -21.16 -4.80 -7.02
C LEU A 101 -20.32 -6.01 -7.45
N ASP A 102 -20.99 -7.03 -7.99
CA ASP A 102 -20.31 -8.22 -8.45
C ASP A 102 -19.11 -7.82 -9.33
N GLU A 103 -19.32 -6.83 -10.18
CA GLU A 103 -18.27 -6.32 -11.06
C GLU A 103 -17.14 -5.77 -10.18
N LEU A 104 -17.48 -4.80 -9.32
CA LEU A 104 -16.52 -4.18 -8.41
C LEU A 104 -15.64 -5.22 -7.73
N ILE A 105 -16.20 -6.39 -7.44
CA ILE A 105 -15.40 -7.44 -6.83
C ILE A 105 -14.33 -7.83 -7.84
N PHE A 106 -14.78 -8.37 -8.97
CA PHE A 106 -13.90 -8.80 -10.04
C PHE A 106 -12.94 -7.66 -10.38
N ALA A 107 -13.36 -6.43 -10.13
CA ALA A 107 -12.50 -5.28 -10.38
C ALA A 107 -11.33 -5.46 -9.41
N THR A 108 -11.57 -5.09 -8.14
CA THR A 108 -10.58 -5.18 -7.05
C THR A 108 -9.68 -6.41 -7.13
N LYS A 109 -10.29 -7.56 -7.42
CA LYS A 109 -9.53 -8.79 -7.54
C LYS A 109 -8.48 -8.69 -8.64
N MET A 110 -8.91 -8.25 -9.82
CA MET A 110 -7.99 -8.09 -10.95
C MET A 110 -7.02 -6.97 -10.66
N ALA A 111 -7.55 -5.78 -10.36
CA ALA A 111 -6.70 -4.63 -10.05
C ALA A 111 -5.54 -5.07 -9.16
N TRP A 112 -5.79 -6.10 -8.35
CA TRP A 112 -4.77 -6.64 -7.47
C TRP A 112 -3.98 -7.60 -8.35
N ARG A 113 -4.68 -8.56 -8.96
CA ARG A 113 -4.06 -9.53 -9.84
C ARG A 113 -3.08 -8.79 -10.75
N ASN A 114 -3.35 -7.50 -10.96
CA ASN A 114 -2.55 -6.61 -11.80
C ASN A 114 -1.76 -5.58 -11.01
N ALA A 115 -1.28 -5.96 -9.83
CA ALA A 115 -0.46 -5.05 -9.03
C ALA A 115 0.94 -5.39 -9.52
N PRO A 116 1.73 -4.39 -9.92
CA PRO A 116 3.03 -4.84 -10.38
C PRO A 116 4.07 -5.14 -9.31
N ARG A 117 4.03 -4.39 -8.21
CA ARG A 117 5.00 -4.57 -7.14
C ARG A 117 4.46 -5.22 -5.85
N CYS A 118 3.93 -6.43 -5.96
CA CYS A 118 3.39 -7.14 -4.80
C CYS A 118 3.63 -8.62 -4.98
N ILE A 119 4.42 -9.22 -4.09
CA ILE A 119 4.70 -10.65 -4.16
C ILE A 119 3.44 -11.41 -3.75
N GLY A 120 2.57 -10.72 -3.03
CA GLY A 120 1.33 -11.30 -2.56
C GLY A 120 0.46 -11.92 -3.64
N ARG A 121 0.17 -11.14 -4.68
CA ARG A 121 -0.67 -11.54 -5.81
C ARG A 121 -0.98 -13.02 -6.09
N ILE A 122 -0.28 -13.95 -5.46
CA ILE A 122 -0.52 -15.36 -5.72
C ILE A 122 -1.88 -15.86 -5.23
N GLN A 123 -2.56 -15.05 -4.44
CA GLN A 123 -3.88 -15.42 -3.95
C GLN A 123 -4.85 -14.25 -4.11
N TRP A 124 -4.66 -13.52 -5.20
CA TRP A 124 -5.49 -12.39 -5.56
C TRP A 124 -6.91 -12.91 -5.58
N SER A 125 -7.00 -14.19 -5.93
CA SER A 125 -8.24 -14.94 -6.05
C SER A 125 -9.27 -14.72 -4.95
N ASN A 126 -8.83 -14.48 -3.72
CA ASN A 126 -9.77 -14.28 -2.62
C ASN A 126 -9.49 -13.04 -1.77
N LEU A 127 -10.36 -12.06 -1.87
CA LEU A 127 -10.22 -10.82 -1.13
C LEU A 127 -11.61 -10.43 -0.65
N GLN A 128 -11.67 -9.54 0.34
CA GLN A 128 -12.95 -9.11 0.87
C GLN A 128 -13.27 -7.72 0.38
N VAL A 129 -14.44 -7.59 -0.23
CA VAL A 129 -14.86 -6.30 -0.76
C VAL A 129 -15.93 -5.68 0.13
N PHE A 130 -15.64 -4.49 0.62
CA PHE A 130 -16.56 -3.78 1.49
C PHE A 130 -17.15 -2.59 0.71
N ASP A 131 -18.37 -2.78 0.22
CA ASP A 131 -19.11 -1.80 -0.59
C ASP A 131 -19.48 -0.44 0.02
N ALA A 132 -18.54 0.22 0.68
CA ALA A 132 -18.84 1.51 1.31
C ALA A 132 -19.21 2.64 0.36
N ARG A 133 -19.65 2.30 -0.85
CA ARG A 133 -20.02 3.32 -1.85
C ARG A 133 -21.05 4.32 -1.32
N ASN A 134 -22.12 3.78 -0.75
CA ASN A 134 -23.19 4.60 -0.18
C ASN A 134 -22.66 5.59 0.88
N CYS A 135 -21.42 5.43 1.28
CA CYS A 135 -20.87 6.32 2.30
C CYS A 135 -21.20 7.77 1.98
N SER A 136 -21.11 8.64 2.98
CA SER A 136 -21.41 10.03 2.75
C SER A 136 -20.88 10.97 3.81
N THR A 137 -20.53 10.43 4.97
CA THR A 137 -20.00 11.27 6.05
C THR A 137 -18.60 10.88 6.46
N ALA A 138 -17.83 11.87 6.92
CA ALA A 138 -16.49 11.60 7.38
C ALA A 138 -16.64 10.52 8.44
N GLN A 139 -17.45 10.83 9.44
CA GLN A 139 -17.71 9.89 10.52
C GLN A 139 -18.30 8.61 9.97
N GLU A 140 -18.99 8.71 8.84
CA GLU A 140 -19.58 7.52 8.23
C GLU A 140 -18.44 6.67 7.70
N MET A 141 -17.43 7.33 7.18
CA MET A 141 -16.25 6.66 6.65
C MET A 141 -15.64 5.87 7.80
N PHE A 142 -15.10 6.63 8.76
CA PHE A 142 -14.48 6.10 9.96
C PHE A 142 -15.08 4.74 10.33
N GLN A 143 -16.33 4.72 10.75
CA GLN A 143 -16.98 3.48 11.12
C GLN A 143 -16.65 2.39 10.10
N HIS A 144 -16.91 2.70 8.83
CA HIS A 144 -16.67 1.76 7.75
C HIS A 144 -15.27 1.18 7.77
N ILE A 145 -14.32 2.00 8.20
CA ILE A 145 -12.92 1.61 8.31
C ILE A 145 -12.78 0.56 9.39
N CYS A 146 -13.12 0.94 10.62
CA CYS A 146 -13.04 0.04 11.76
C CYS A 146 -13.65 -1.32 11.42
N ARG A 147 -14.76 -1.31 10.71
CA ARG A 147 -15.37 -2.58 10.33
C ARG A 147 -14.26 -3.37 9.65
N HIS A 148 -13.57 -2.70 8.73
CA HIS A 148 -12.48 -3.29 7.97
C HIS A 148 -11.36 -3.76 8.89
N ILE A 149 -10.71 -2.80 9.55
CA ILE A 149 -9.62 -3.09 10.49
C ILE A 149 -9.96 -4.32 11.32
N LEU A 150 -11.11 -4.26 11.99
CA LEU A 150 -11.57 -5.36 12.81
C LEU A 150 -11.69 -6.66 12.02
N TYR A 151 -12.29 -6.60 10.84
CA TYR A 151 -12.44 -7.80 10.03
C TYR A 151 -11.07 -8.29 9.63
N ALA A 152 -10.25 -7.35 9.19
CA ALA A 152 -8.90 -7.64 8.75
C ALA A 152 -8.08 -8.35 9.81
N THR A 153 -7.95 -7.69 10.96
CA THR A 153 -7.17 -8.21 12.10
C THR A 153 -7.52 -9.65 12.48
N ASN A 154 -8.78 -9.85 12.84
CA ASN A 154 -9.28 -11.15 13.26
C ASN A 154 -8.46 -11.75 14.37
N ASN A 155 -8.12 -10.93 15.35
CA ASN A 155 -7.38 -11.42 16.49
C ASN A 155 -6.17 -12.20 15.98
N GLY A 156 -5.25 -11.49 15.33
CA GLY A 156 -4.07 -12.17 14.82
C GLY A 156 -4.23 -12.93 13.51
N ASN A 157 -5.23 -13.81 13.41
CA ASN A 157 -5.39 -14.55 12.15
C ASN A 157 -5.88 -13.57 11.10
N ILE A 158 -4.92 -12.87 10.50
CA ILE A 158 -5.22 -11.87 9.49
C ILE A 158 -5.89 -12.40 8.26
N ARG A 159 -6.81 -11.59 7.74
CA ARG A 159 -7.59 -11.86 6.53
C ARG A 159 -7.48 -10.57 5.74
N SER A 160 -7.17 -10.67 4.45
CA SER A 160 -7.02 -9.48 3.61
C SER A 160 -8.34 -9.04 3.02
N ALA A 161 -8.58 -7.74 3.06
CA ALA A 161 -9.82 -7.16 2.54
C ALA A 161 -9.63 -5.74 2.05
N ILE A 162 -10.63 -5.23 1.33
CA ILE A 162 -10.61 -3.86 0.81
C ILE A 162 -12.01 -3.30 0.96
N THR A 163 -12.10 -2.01 1.28
CA THR A 163 -13.40 -1.36 1.40
C THR A 163 -13.45 -0.19 0.42
N VAL A 164 -14.24 -0.40 -0.63
CA VAL A 164 -14.44 0.57 -1.70
C VAL A 164 -15.35 1.72 -1.32
N PHE A 165 -14.78 2.88 -1.08
CA PHE A 165 -15.61 4.03 -0.76
C PHE A 165 -16.23 4.52 -2.08
N PRO A 166 -17.01 5.62 -2.06
CA PRO A 166 -17.62 6.10 -3.31
C PRO A 166 -16.69 6.66 -4.38
N GLN A 167 -17.00 6.33 -5.65
CA GLN A 167 -16.21 6.77 -6.79
C GLN A 167 -16.07 8.26 -7.02
N ARG A 168 -15.52 8.60 -8.18
CA ARG A 168 -15.30 9.98 -8.55
C ARG A 168 -16.44 10.54 -9.35
N SER A 169 -16.69 11.83 -9.17
CA SER A 169 -17.76 12.50 -9.88
C SER A 169 -17.14 13.60 -10.74
N ASP A 170 -17.17 14.82 -10.21
CA ASP A 170 -16.63 15.97 -10.91
C ASP A 170 -15.15 16.07 -10.60
N GLY A 171 -14.71 15.29 -9.62
CA GLY A 171 -13.33 15.33 -9.21
C GLY A 171 -13.15 16.45 -8.22
N LYS A 172 -14.27 16.96 -7.73
CA LYS A 172 -14.28 18.04 -6.74
C LYS A 172 -15.07 17.51 -5.55
N HIS A 173 -15.59 16.30 -5.74
CA HIS A 173 -16.36 15.62 -4.72
C HIS A 173 -15.61 14.34 -4.40
N ASP A 174 -14.30 14.51 -4.29
CA ASP A 174 -13.37 13.43 -4.00
C ASP A 174 -13.59 12.88 -2.59
N PHE A 175 -13.35 11.57 -2.45
CA PHE A 175 -13.45 10.87 -1.17
C PHE A 175 -12.01 10.42 -0.87
N ARG A 176 -11.39 11.01 0.15
CA ARG A 176 -10.01 10.64 0.43
C ARG A 176 -9.54 10.68 1.86
N LEU A 177 -8.81 9.62 2.24
CA LEU A 177 -8.24 9.53 3.57
C LEU A 177 -6.75 9.82 3.41
N TRP A 178 -6.30 10.88 4.06
CA TRP A 178 -4.91 11.32 3.99
C TRP A 178 -3.93 10.46 4.79
N ASN A 179 -3.95 9.14 4.57
CA ASN A 179 -3.05 8.30 5.34
C ASN A 179 -2.22 7.35 4.50
N SER A 180 -0.97 7.22 4.88
CA SER A 180 -0.04 6.34 4.19
C SER A 180 -0.68 4.95 4.27
N GLN A 181 -1.11 4.59 5.47
CA GLN A 181 -1.76 3.31 5.68
C GLN A 181 -2.64 3.40 6.92
N LEU A 182 -3.57 2.46 7.05
CA LEU A 182 -4.50 2.44 8.17
C LEU A 182 -3.82 2.65 9.52
N ILE A 183 -2.98 1.72 9.95
CA ILE A 183 -2.27 1.89 11.21
C ILE A 183 -0.81 2.23 10.94
N ARG A 184 -0.30 3.22 11.64
CA ARG A 184 1.08 3.63 11.48
C ARG A 184 1.46 4.56 12.59
N TYR A 185 2.50 4.18 13.32
CA TYR A 185 2.97 4.98 14.45
C TYR A 185 3.36 6.39 14.07
N ALA A 186 3.10 7.32 14.99
CA ALA A 186 3.42 8.73 14.79
C ALA A 186 4.90 8.89 14.54
N GLY A 187 5.40 10.11 14.73
CA GLY A 187 6.81 10.33 14.51
C GLY A 187 7.19 11.75 14.89
N TYR A 188 7.12 12.03 16.18
CA TYR A 188 7.45 13.36 16.66
C TYR A 188 8.96 13.49 16.61
N GLN A 189 9.42 14.67 16.21
CA GLN A 189 10.84 14.95 16.16
C GLN A 189 11.15 15.74 17.44
N MET A 190 11.49 15.00 18.49
CA MET A 190 11.79 15.57 19.80
C MET A 190 12.76 16.75 19.86
N PRO A 191 12.59 17.62 20.87
CA PRO A 191 13.40 18.82 21.11
C PRO A 191 14.89 18.61 20.90
N ASP A 192 15.47 17.79 21.78
CA ASP A 192 16.89 17.45 21.79
C ASP A 192 17.44 16.81 20.52
N GLY A 193 17.16 17.40 19.36
CA GLY A 193 17.68 16.85 18.13
C GLY A 193 17.27 15.40 17.88
N THR A 194 16.68 14.76 18.88
CA THR A 194 16.25 13.37 18.75
C THR A 194 15.18 13.29 17.66
N ILE A 195 14.47 12.17 17.65
CA ILE A 195 13.40 11.91 16.71
C ILE A 195 12.78 10.63 17.23
N ARG A 196 11.48 10.66 17.50
CA ARG A 196 10.84 9.47 18.04
C ARG A 196 10.07 8.62 17.05
N GLY A 197 9.62 7.48 17.56
CA GLY A 197 8.84 6.52 16.79
C GLY A 197 9.29 6.22 15.38
N ASP A 198 8.74 6.95 14.42
CA ASP A 198 9.05 6.73 13.02
C ASP A 198 9.20 8.03 12.23
N ALA A 199 10.42 8.31 11.80
CA ALA A 199 10.71 9.52 11.05
C ALA A 199 9.96 9.54 9.72
N ALA A 200 9.69 8.36 9.17
CA ALA A 200 8.98 8.27 7.89
C ALA A 200 7.76 9.18 7.92
N THR A 201 6.92 8.99 8.93
CA THR A 201 5.70 9.76 9.09
C THR A 201 5.96 11.09 9.80
N LEU A 202 7.06 11.76 9.45
CA LEU A 202 7.41 13.01 10.10
C LEU A 202 6.61 14.24 9.69
N GLU A 203 6.38 14.40 8.40
CA GLU A 203 5.63 15.54 7.91
C GLU A 203 4.15 15.40 8.27
N PHE A 204 3.64 14.18 8.13
CA PHE A 204 2.25 13.89 8.42
C PHE A 204 1.87 14.07 9.89
N THR A 205 2.68 13.55 10.81
CA THR A 205 2.40 13.68 12.23
C THR A 205 2.17 15.14 12.55
N GLN A 206 2.96 15.99 11.91
CA GLN A 206 2.82 17.41 12.11
C GLN A 206 1.37 17.76 11.78
N LEU A 207 0.93 17.31 10.62
CA LEU A 207 -0.43 17.57 10.17
C LEU A 207 -1.45 17.29 11.27
N CYS A 208 -1.59 16.03 11.65
CA CYS A 208 -2.54 15.64 12.68
C CYS A 208 -2.44 16.55 13.89
N ILE A 209 -1.25 17.08 14.15
CA ILE A 209 -1.05 17.97 15.28
C ILE A 209 -1.68 19.30 14.92
N ASP A 210 -1.45 19.71 13.67
CA ASP A 210 -1.98 20.96 13.15
C ASP A 210 -3.51 20.92 13.05
N LEU A 211 -4.09 19.72 13.08
CA LEU A 211 -5.54 19.59 13.00
C LEU A 211 -6.17 19.03 14.28
N GLY A 212 -5.46 19.17 15.41
CA GLY A 212 -6.00 18.67 16.66
C GLY A 212 -5.19 17.60 17.37
N TRP A 213 -5.41 16.34 16.99
CA TRP A 213 -4.73 15.17 17.56
C TRP A 213 -3.55 15.52 18.49
N LYS A 214 -3.70 15.18 19.77
CA LYS A 214 -2.66 15.48 20.78
C LYS A 214 -1.48 14.50 20.81
N PRO A 215 -0.27 15.07 20.70
CA PRO A 215 1.05 14.40 20.68
C PRO A 215 1.43 13.65 21.94
N ARG A 216 1.08 12.37 21.99
CA ARG A 216 1.40 11.51 23.13
C ARG A 216 2.91 11.29 23.16
N TYR A 217 3.61 12.13 22.41
CA TYR A 217 5.06 12.14 22.26
C TYR A 217 5.77 10.82 22.51
N GLY A 218 5.08 9.72 22.28
CA GLY A 218 5.68 8.42 22.48
C GLY A 218 6.66 8.10 21.36
N ARG A 219 6.68 6.83 20.95
CA ARG A 219 7.57 6.39 19.90
C ARG A 219 7.04 5.07 19.38
N PHE A 220 5.75 4.86 19.63
CA PHE A 220 5.06 3.66 19.21
C PHE A 220 3.58 4.00 19.30
N ASP A 221 3.30 5.29 19.15
CA ASP A 221 1.93 5.82 19.21
C ASP A 221 1.26 5.75 17.85
N VAL A 222 0.09 5.10 17.79
CA VAL A 222 -0.66 4.98 16.54
C VAL A 222 -1.19 6.33 16.09
N LEU A 223 -1.18 6.56 14.78
CA LEU A 223 -1.64 7.82 14.23
C LEU A 223 -3.14 7.85 13.99
N PRO A 224 -3.72 9.06 13.91
CA PRO A 224 -5.15 9.26 13.69
C PRO A 224 -5.53 9.19 12.23
N LEU A 225 -6.51 8.35 11.86
CA LEU A 225 -6.91 8.32 10.47
C LEU A 225 -7.56 9.67 10.20
N VAL A 226 -7.00 10.42 9.28
CA VAL A 226 -7.52 11.73 8.91
C VAL A 226 -8.25 11.56 7.60
N LEU A 227 -9.56 11.73 7.64
CA LEU A 227 -10.38 11.54 6.46
C LEU A 227 -11.18 12.76 6.00
N GLN A 228 -11.59 12.70 4.74
CA GLN A 228 -12.40 13.75 4.11
C GLN A 228 -13.37 12.96 3.24
N ALA A 229 -14.67 13.26 3.36
CA ALA A 229 -15.69 12.52 2.64
C ALA A 229 -16.17 13.00 1.27
N ASP A 230 -16.47 14.28 1.09
CA ASP A 230 -16.93 14.68 -0.22
C ASP A 230 -16.02 15.66 -0.95
N GLY A 231 -15.15 16.35 -0.23
CA GLY A 231 -14.27 17.29 -0.87
C GLY A 231 -14.10 18.45 0.06
N GLN A 232 -14.71 18.32 1.21
CA GLN A 232 -14.65 19.33 2.25
C GLN A 232 -13.43 19.03 3.09
N ASP A 233 -13.13 19.89 4.05
CA ASP A 233 -11.99 19.69 4.90
C ASP A 233 -12.01 18.29 5.50
N PRO A 234 -10.84 17.77 5.90
CA PRO A 234 -10.71 16.44 6.49
C PRO A 234 -10.83 16.52 8.01
N GLU A 235 -11.21 15.41 8.64
CA GLU A 235 -11.34 15.40 10.09
C GLU A 235 -10.56 14.28 10.75
N VAL A 236 -10.02 14.59 11.93
CA VAL A 236 -9.22 13.67 12.71
C VAL A 236 -10.03 12.71 13.57
N PHE A 237 -9.67 11.44 13.53
CA PHE A 237 -10.33 10.40 14.32
C PHE A 237 -9.24 9.48 14.88
N GLU A 238 -9.28 9.21 16.17
CA GLU A 238 -8.29 8.31 16.78
C GLU A 238 -8.76 6.89 16.59
N ILE A 239 -7.88 6.02 16.09
CA ILE A 239 -8.28 4.65 15.91
C ILE A 239 -8.51 4.06 17.30
N PRO A 240 -9.63 3.34 17.49
CA PRO A 240 -9.95 2.73 18.77
C PRO A 240 -8.93 1.67 19.17
N PRO A 241 -8.09 1.98 20.18
CA PRO A 241 -7.04 1.10 20.69
C PRO A 241 -7.40 -0.37 20.60
N ASP A 242 -8.56 -0.73 21.13
CA ASP A 242 -8.99 -2.12 21.10
C ASP A 242 -8.80 -2.78 19.74
N LEU A 243 -8.83 -1.98 18.68
CA LEU A 243 -8.72 -2.48 17.30
C LEU A 243 -7.30 -2.70 16.76
N VAL A 244 -6.35 -1.88 17.23
CA VAL A 244 -4.95 -1.96 16.82
C VAL A 244 -4.17 -3.10 17.51
N LEU A 245 -4.19 -4.31 16.94
CA LEU A 245 -3.46 -5.45 17.53
C LEU A 245 -1.96 -5.45 17.19
N GLU A 246 -1.13 -5.21 18.19
CA GLU A 246 0.32 -5.18 18.00
C GLU A 246 1.02 -6.50 18.35
N VAL A 247 2.34 -6.54 18.09
CA VAL A 247 3.17 -7.69 18.39
C VAL A 247 4.46 -7.17 19.01
N THR A 248 4.89 -7.80 20.09
CA THR A 248 6.11 -7.37 20.77
C THR A 248 7.31 -8.15 20.27
N MET A 249 8.42 -7.44 20.12
CA MET A 249 9.62 -8.05 19.59
C MET A 249 10.55 -8.72 20.60
N GLU A 250 10.56 -10.04 20.55
CA GLU A 250 11.36 -10.88 21.43
C GLU A 250 12.08 -12.01 20.68
N HIS A 251 13.37 -12.19 21.00
CA HIS A 251 14.22 -13.21 20.39
C HIS A 251 14.18 -14.59 21.05
N PRO A 252 14.09 -15.66 20.25
CA PRO A 252 14.05 -17.03 20.77
C PRO A 252 15.38 -17.44 21.37
N LYS A 253 16.17 -16.47 21.82
CA LYS A 253 17.47 -16.76 22.41
C LYS A 253 18.08 -15.57 23.12
N TYR A 254 18.34 -14.50 22.39
CA TYR A 254 18.94 -13.30 22.94
C TYR A 254 18.10 -12.53 23.94
N GLU A 255 17.72 -13.19 25.03
CA GLU A 255 16.89 -12.59 26.09
C GLU A 255 17.01 -11.08 26.23
N TRP A 256 18.20 -10.55 25.98
CA TRP A 256 18.43 -9.11 26.08
C TRP A 256 17.62 -8.35 25.04
N PHE A 257 16.87 -9.09 24.22
CA PHE A 257 16.07 -8.47 23.19
C PHE A 257 14.93 -7.64 23.72
N GLN A 258 14.01 -8.29 24.42
CA GLN A 258 12.86 -7.61 25.01
C GLN A 258 13.25 -6.23 25.54
N GLU A 259 14.48 -6.11 26.02
CA GLU A 259 14.94 -4.85 26.56
C GLU A 259 15.00 -3.75 25.51
N LEU A 260 14.93 -4.14 24.25
CA LEU A 260 14.99 -3.16 23.18
C LEU A 260 13.74 -2.28 23.19
N GLY A 261 12.62 -2.86 23.60
CA GLY A 261 11.37 -2.13 23.64
C GLY A 261 10.86 -2.00 22.22
N LEU A 262 10.69 -3.13 21.56
CA LEU A 262 10.24 -3.17 20.18
C LEU A 262 8.96 -3.97 19.97
N LYS A 263 8.06 -3.39 19.18
CA LYS A 263 6.79 -4.01 18.83
C LYS A 263 6.33 -3.41 17.50
N TRP A 264 5.28 -3.96 16.89
CA TRP A 264 4.83 -3.45 15.60
C TRP A 264 3.41 -3.89 15.26
N TYR A 265 2.63 -2.97 14.67
CA TYR A 265 1.26 -3.28 14.27
C TYR A 265 1.21 -4.51 13.35
N ALA A 266 0.31 -5.43 13.67
CA ALA A 266 0.19 -6.67 12.92
C ALA A 266 -0.61 -6.56 11.64
N LEU A 267 -1.02 -5.35 11.28
CA LEU A 267 -1.83 -5.18 10.08
C LEU A 267 -1.40 -4.12 9.09
N PRO A 268 -0.93 -4.56 7.92
CA PRO A 268 -0.49 -3.65 6.86
C PRO A 268 -1.69 -3.34 5.94
N ALA A 269 -2.16 -2.11 6.00
CA ALA A 269 -3.27 -1.69 5.18
C ALA A 269 -2.97 -0.32 4.61
N VAL A 270 -2.91 -0.26 3.28
CA VAL A 270 -2.62 0.98 2.55
C VAL A 270 -3.86 1.84 2.42
N ALA A 271 -3.73 3.11 2.79
CA ALA A 271 -4.86 4.02 2.71
C ALA A 271 -4.90 4.73 1.36
N ASN A 272 -4.02 5.72 1.21
CA ASN A 272 -3.94 6.50 -0.02
C ASN A 272 -3.52 5.73 -1.28
N MET A 273 -4.47 5.45 -2.16
CA MET A 273 -4.20 4.77 -3.42
C MET A 273 -5.48 4.60 -4.23
N LEU A 274 -5.48 5.16 -5.43
CA LEU A 274 -6.63 5.13 -6.31
C LEU A 274 -6.86 3.83 -7.08
N LEU A 275 -8.11 3.39 -7.09
CA LEU A 275 -8.45 2.19 -7.85
C LEU A 275 -9.12 2.71 -9.09
N GLU A 276 -8.77 2.14 -10.23
CA GLU A 276 -9.35 2.55 -11.49
C GLU A 276 -9.85 1.31 -12.22
N VAL A 277 -11.10 1.39 -12.69
CA VAL A 277 -11.71 0.29 -13.40
C VAL A 277 -12.70 0.88 -14.40
N GLY A 278 -12.89 0.19 -15.52
CA GLY A 278 -13.81 0.64 -16.55
C GLY A 278 -13.89 2.15 -16.81
N GLY A 279 -12.78 2.86 -16.63
CA GLY A 279 -12.82 4.29 -16.86
C GLY A 279 -13.29 5.01 -15.62
N LEU A 280 -13.75 4.23 -14.65
CA LEU A 280 -14.23 4.76 -13.38
C LEU A 280 -13.05 4.80 -12.42
N GLU A 281 -12.97 5.83 -11.58
CA GLU A 281 -11.86 5.93 -10.64
C GLU A 281 -12.24 6.25 -9.19
N PHE A 282 -11.90 5.35 -8.27
CA PHE A 282 -12.21 5.48 -6.83
C PHE A 282 -11.03 5.93 -5.96
N PRO A 283 -10.97 7.22 -5.59
CA PRO A 283 -9.94 7.90 -4.79
C PRO A 283 -9.75 7.46 -3.35
N ALA A 284 -10.49 6.45 -2.92
CA ALA A 284 -10.37 5.91 -1.57
C ALA A 284 -10.82 4.45 -1.53
N CYS A 285 -9.92 3.53 -1.23
CA CYS A 285 -10.32 2.12 -1.17
C CYS A 285 -9.34 1.25 -0.40
N PRO A 286 -9.00 1.63 0.85
CA PRO A 286 -8.06 0.87 1.66
C PRO A 286 -8.16 -0.63 1.52
N PHE A 287 -7.01 -1.27 1.41
CA PHE A 287 -6.92 -2.72 1.28
C PHE A 287 -5.80 -3.17 2.20
N ASN A 288 -5.91 -4.39 2.69
CA ASN A 288 -4.93 -4.93 3.60
C ASN A 288 -4.57 -6.34 3.22
N GLY A 289 -3.43 -6.77 3.72
CA GLY A 289 -2.95 -8.12 3.49
C GLY A 289 -2.08 -8.28 4.71
N TRP A 290 -1.42 -9.42 4.84
CA TRP A 290 -0.56 -9.62 5.99
C TRP A 290 0.90 -9.40 5.65
N TYR A 291 1.68 -9.08 6.67
CA TYR A 291 3.10 -8.81 6.53
C TYR A 291 3.99 -9.91 5.96
N MET A 292 5.15 -9.46 5.48
CA MET A 292 6.23 -10.32 5.01
C MET A 292 7.31 -9.80 5.95
N GLY A 293 7.92 -10.72 6.69
CA GLY A 293 8.92 -10.34 7.68
C GLY A 293 9.85 -9.17 7.43
N THR A 294 10.50 -9.20 6.28
CA THR A 294 11.50 -8.20 5.93
C THR A 294 11.14 -6.72 5.97
N GLU A 295 9.88 -6.38 5.72
CA GLU A 295 9.50 -4.97 5.77
C GLU A 295 9.60 -4.54 7.22
N ILE A 296 9.00 -5.33 8.10
CA ILE A 296 9.06 -5.05 9.52
C ILE A 296 10.52 -5.16 9.92
N GLY A 297 11.07 -6.35 9.72
CA GLY A 297 12.46 -6.62 10.06
C GLY A 297 13.49 -5.61 9.60
N VAL A 298 13.89 -5.71 8.34
CA VAL A 298 14.92 -4.82 7.80
C VAL A 298 14.51 -3.42 7.39
N ARG A 299 13.26 -3.24 6.96
CA ARG A 299 12.81 -1.93 6.51
C ARG A 299 12.47 -0.88 7.57
N ASP A 300 11.47 -1.13 8.42
CA ASP A 300 11.14 -0.12 9.43
C ASP A 300 12.10 -0.16 10.62
N PHE A 301 12.55 -1.36 10.99
CA PHE A 301 13.47 -1.51 12.11
C PHE A 301 14.90 -1.09 11.78
N CYS A 302 15.46 -1.71 10.75
CA CYS A 302 16.85 -1.45 10.34
C CYS A 302 17.11 -0.22 9.46
N ASP A 303 16.30 0.01 8.43
CA ASP A 303 16.47 1.17 7.54
C ASP A 303 16.95 2.41 8.29
N THR A 304 18.03 3.02 7.82
CA THR A 304 18.58 4.21 8.47
C THR A 304 17.57 5.34 8.62
N GLN A 305 16.68 5.47 7.64
CA GLN A 305 15.68 6.53 7.64
C GLN A 305 14.40 6.21 8.42
N ARG A 306 14.40 5.08 9.11
CA ARG A 306 13.22 4.68 9.88
C ARG A 306 13.53 4.56 11.37
N TYR A 307 13.17 3.43 11.97
CA TYR A 307 13.44 3.20 13.38
C TYR A 307 14.95 3.11 13.57
N ASN A 308 15.59 2.19 12.85
CA ASN A 308 17.04 2.05 12.86
C ASN A 308 17.75 1.49 14.10
N ILE A 309 17.54 0.23 14.41
CA ILE A 309 18.22 -0.38 15.55
C ILE A 309 19.62 -0.79 15.05
N LEU A 310 19.72 -1.99 14.50
CA LEU A 310 20.96 -2.56 13.94
C LEU A 310 22.25 -2.32 14.72
N GLU A 311 22.69 -1.07 14.79
CA GLU A 311 23.90 -0.73 15.53
C GLU A 311 23.85 -1.33 16.93
N GLU A 312 22.74 -1.11 17.62
CA GLU A 312 22.56 -1.63 18.96
C GLU A 312 22.42 -3.14 18.93
N VAL A 313 21.56 -3.66 18.05
CA VAL A 313 21.40 -5.10 17.98
C VAL A 313 22.77 -5.69 17.61
N GLY A 314 23.67 -4.80 17.23
CA GLY A 314 25.02 -5.18 16.85
C GLY A 314 25.92 -5.17 18.06
N ARG A 315 26.01 -4.03 18.74
CA ARG A 315 26.84 -3.89 19.93
C ARG A 315 26.50 -5.03 20.89
N ARG A 316 25.26 -5.03 21.35
CA ARG A 316 24.80 -6.06 22.27
C ARG A 316 24.81 -7.43 21.59
N MET A 317 25.34 -7.48 20.38
CA MET A 317 25.45 -8.74 19.66
C MET A 317 26.91 -9.12 19.86
N GLY A 318 27.66 -8.20 20.44
CA GLY A 318 29.07 -8.38 20.71
C GLY A 318 29.89 -7.96 19.50
N LEU A 319 29.41 -8.37 18.33
CA LEU A 319 30.03 -8.11 17.04
C LEU A 319 30.92 -6.87 16.84
N GLU A 320 31.72 -6.95 15.79
CA GLU A 320 32.66 -5.91 15.38
C GLU A 320 31.95 -4.69 14.79
N THR A 321 31.05 -4.12 15.59
CA THR A 321 30.25 -2.97 15.20
C THR A 321 31.01 -1.81 14.55
N HIS A 322 32.33 -1.86 14.58
CA HIS A 322 33.13 -0.76 13.99
C HIS A 322 34.02 -1.13 12.82
N THR A 323 33.95 -2.38 12.36
CA THR A 323 34.77 -2.80 11.25
C THR A 323 33.86 -3.26 10.12
N LEU A 324 33.14 -2.31 9.54
CA LEU A 324 32.21 -2.56 8.43
C LEU A 324 32.44 -3.90 7.74
N ALA A 325 33.66 -4.10 7.26
CA ALA A 325 34.02 -5.33 6.56
C ALA A 325 33.68 -6.60 7.31
N SER A 326 33.48 -6.48 8.62
CA SER A 326 33.17 -7.63 9.46
C SER A 326 31.94 -8.39 9.01
N LEU A 327 30.98 -7.67 8.43
CA LEU A 327 29.71 -8.25 7.99
C LEU A 327 28.81 -8.33 9.22
N TRP A 328 29.04 -7.43 10.17
CA TRP A 328 28.26 -7.44 11.39
C TRP A 328 26.80 -7.10 11.10
N LYS A 329 26.58 -6.08 10.28
CA LYS A 329 25.23 -5.69 9.91
C LYS A 329 24.58 -6.91 9.26
N ASP A 330 25.38 -7.64 8.48
CA ASP A 330 24.90 -8.84 7.82
C ASP A 330 24.50 -9.84 8.89
N ARG A 331 25.21 -9.80 10.02
CA ARG A 331 24.95 -10.70 11.14
C ARG A 331 23.73 -10.24 11.91
N ALA A 332 23.82 -9.01 12.41
CA ALA A 332 22.75 -8.39 13.19
C ALA A 332 21.40 -8.64 12.55
N VAL A 333 21.15 -7.96 11.45
CA VAL A 333 19.91 -8.11 10.70
C VAL A 333 19.36 -9.53 10.79
N THR A 334 20.04 -10.48 10.17
CA THR A 334 19.58 -11.87 10.19
C THR A 334 18.98 -12.31 11.51
N GLU A 335 19.53 -11.83 12.61
CA GLU A 335 18.97 -12.21 13.91
C GLU A 335 17.64 -11.46 14.08
N ILE A 336 17.67 -10.14 13.90
CA ILE A 336 16.49 -9.29 13.99
C ILE A 336 15.32 -9.87 13.19
N ASN A 337 15.61 -10.38 12.00
CA ASN A 337 14.58 -10.94 11.16
C ASN A 337 14.02 -12.22 11.77
N VAL A 338 14.87 -12.96 12.49
CA VAL A 338 14.40 -14.20 13.11
C VAL A 338 13.55 -13.88 14.32
N ALA A 339 13.84 -12.74 14.95
CA ALA A 339 13.08 -12.30 16.11
C ALA A 339 11.66 -12.00 15.67
N VAL A 340 11.53 -10.95 14.88
CA VAL A 340 10.25 -10.51 14.34
C VAL A 340 9.46 -11.75 14.01
N LEU A 341 9.90 -12.47 12.99
CA LEU A 341 9.23 -13.70 12.58
C LEU A 341 8.87 -14.51 13.82
N HIS A 342 9.85 -14.77 14.67
CA HIS A 342 9.62 -15.53 15.90
C HIS A 342 8.41 -14.98 16.66
N SER A 343 8.57 -13.79 17.22
CA SER A 343 7.48 -13.15 17.94
C SER A 343 6.17 -13.51 17.28
N PHE A 344 5.93 -12.95 16.10
CA PHE A 344 4.72 -13.22 15.33
C PHE A 344 4.22 -14.66 15.53
N GLN A 345 4.88 -15.64 14.93
CA GLN A 345 4.44 -17.03 15.08
C GLN A 345 4.01 -17.32 16.52
N LYS A 346 4.75 -16.74 17.46
CA LYS A 346 4.46 -16.93 18.88
C LYS A 346 3.15 -16.25 19.23
N GLN A 347 3.15 -14.92 19.39
CA GLN A 347 1.95 -14.17 19.73
C GLN A 347 0.80 -14.41 18.75
N ASN A 348 0.88 -15.53 18.05
CA ASN A 348 -0.09 -15.99 17.07
C ASN A 348 -0.64 -15.08 15.95
N VAL A 349 0.18 -14.14 15.47
CA VAL A 349 -0.21 -13.24 14.39
C VAL A 349 0.34 -13.77 13.07
N THR A 350 -0.43 -13.65 12.00
CA THR A 350 0.01 -14.13 10.69
C THR A 350 1.20 -13.36 10.15
N ILE A 351 2.06 -14.05 9.43
CA ILE A 351 3.25 -13.45 8.81
C ILE A 351 3.82 -14.47 7.86
N MET A 352 4.84 -14.07 7.11
CA MET A 352 5.45 -14.97 6.15
C MET A 352 6.87 -14.52 5.79
N ASP A 353 7.83 -15.40 6.09
CA ASP A 353 9.24 -15.16 5.82
C ASP A 353 9.37 -15.00 4.31
N HIS A 354 10.26 -14.13 3.86
CA HIS A 354 10.39 -13.90 2.43
C HIS A 354 10.56 -15.15 1.59
N HIS A 355 11.57 -15.96 1.87
CA HIS A 355 11.77 -17.17 1.08
C HIS A 355 10.47 -17.84 0.64
N THR A 356 9.70 -18.34 1.60
CA THR A 356 8.44 -19.01 1.25
C THR A 356 7.59 -18.16 0.31
N ALA A 357 7.67 -16.84 0.47
CA ALA A 357 6.91 -15.91 -0.38
C ALA A 357 7.39 -16.05 -1.81
N SER A 358 8.65 -15.71 -2.03
CA SER A 358 9.25 -15.80 -3.35
C SER A 358 8.94 -17.15 -4.00
N GLU A 359 9.12 -18.23 -3.24
CA GLU A 359 8.84 -19.55 -3.77
C GLU A 359 7.44 -19.59 -4.36
N SER A 360 6.49 -18.97 -3.67
CA SER A 360 5.10 -18.96 -4.11
C SER A 360 4.84 -17.98 -5.25
N PHE A 361 5.41 -16.78 -5.14
CA PHE A 361 5.20 -15.80 -6.19
C PHE A 361 5.55 -16.42 -7.53
N MET A 362 6.65 -17.16 -7.57
CA MET A 362 7.07 -17.79 -8.80
C MET A 362 5.95 -18.70 -9.25
N LYS A 363 5.44 -19.52 -8.35
CA LYS A 363 4.34 -20.43 -8.68
C LYS A 363 3.20 -19.65 -9.31
N HIS A 364 3.01 -18.41 -8.84
CA HIS A 364 1.97 -17.54 -9.36
C HIS A 364 2.18 -17.36 -10.86
N MET A 365 3.33 -16.79 -11.22
CA MET A 365 3.70 -16.56 -12.61
C MET A 365 3.44 -17.77 -13.50
N GLN A 366 4.14 -18.88 -13.23
CA GLN A 366 3.96 -20.10 -14.01
C GLN A 366 2.47 -20.28 -14.25
N ASN A 367 1.68 -19.90 -13.27
CA ASN A 367 0.23 -19.99 -13.37
C ASN A 367 -0.28 -18.90 -14.29
N GLU A 368 0.12 -17.67 -13.98
CA GLU A 368 -0.27 -16.46 -14.72
C GLU A 368 0.04 -16.50 -16.22
N TYR A 369 1.16 -17.09 -16.59
CA TYR A 369 1.53 -17.18 -17.99
C TYR A 369 0.69 -18.28 -18.62
N ARG A 370 0.75 -19.47 -18.03
CA ARG A 370 -0.04 -20.58 -18.53
C ARG A 370 -1.52 -20.16 -18.54
N ALA A 371 -1.83 -19.14 -17.75
CA ALA A 371 -3.19 -18.64 -17.65
C ALA A 371 -3.50 -17.60 -18.73
N ARG A 372 -3.08 -16.36 -18.50
CA ARG A 372 -3.31 -15.30 -19.47
C ARG A 372 -2.02 -14.83 -20.15
N GLY A 373 -0.98 -15.65 -20.04
CA GLY A 373 0.31 -15.34 -20.66
C GLY A 373 1.00 -14.04 -20.28
N GLY A 374 0.76 -13.55 -19.07
CA GLY A 374 1.39 -12.31 -18.65
C GLY A 374 1.45 -12.17 -17.14
N CYS A 375 2.14 -11.14 -16.66
CA CYS A 375 2.27 -10.91 -15.22
C CYS A 375 3.13 -9.70 -14.91
N PRO A 376 2.53 -8.51 -14.91
CA PRO A 376 3.19 -7.24 -14.64
C PRO A 376 4.09 -7.26 -13.41
N ALA A 377 5.31 -7.77 -13.57
CA ALA A 377 6.25 -7.86 -12.46
C ALA A 377 7.35 -6.80 -12.45
N ASP A 378 7.50 -6.12 -11.30
CA ASP A 378 8.51 -5.08 -11.13
C ASP A 378 9.67 -5.60 -10.28
N TRP A 379 10.61 -6.33 -10.91
CA TRP A 379 11.77 -6.88 -10.22
C TRP A 379 12.30 -5.99 -9.09
N ILE A 380 12.59 -4.74 -9.36
CA ILE A 380 13.10 -3.84 -8.33
C ILE A 380 12.29 -3.89 -7.02
N TRP A 381 11.03 -4.31 -7.12
CA TRP A 381 10.19 -4.38 -5.93
C TRP A 381 9.95 -5.78 -5.45
N LEU A 382 9.73 -6.70 -6.38
CA LEU A 382 9.47 -8.09 -6.03
C LEU A 382 10.68 -8.85 -5.49
N VAL A 383 11.73 -8.13 -5.09
CA VAL A 383 12.90 -8.81 -4.57
C VAL A 383 13.16 -8.48 -3.11
N PRO A 384 13.09 -9.50 -2.24
CA PRO A 384 13.31 -9.35 -0.80
C PRO A 384 14.50 -8.42 -0.55
N PRO A 385 14.32 -7.41 0.30
CA PRO A 385 15.36 -6.41 0.63
C PRO A 385 16.67 -6.96 1.15
N VAL A 386 16.71 -8.27 1.39
CA VAL A 386 17.90 -8.94 1.91
C VAL A 386 17.83 -10.38 1.43
N SER A 387 18.96 -10.94 1.01
CA SER A 387 19.00 -12.33 0.54
C SER A 387 18.55 -12.48 -0.92
N GLY A 388 18.52 -11.37 -1.64
CA GLY A 388 18.09 -11.40 -3.03
C GLY A 388 18.46 -12.64 -3.84
N SER A 389 19.71 -12.71 -4.28
CA SER A 389 20.22 -13.82 -5.08
C SER A 389 19.84 -15.22 -4.60
N ILE A 390 19.34 -15.33 -3.37
CA ILE A 390 18.96 -16.62 -2.81
C ILE A 390 17.49 -16.93 -3.06
N THR A 391 16.68 -15.87 -3.15
CA THR A 391 15.26 -16.03 -3.44
C THR A 391 15.19 -16.15 -4.97
N PRO A 392 14.39 -17.09 -5.49
CA PRO A 392 14.27 -17.28 -6.95
C PRO A 392 13.84 -16.06 -7.77
N VAL A 393 13.09 -15.15 -7.17
CA VAL A 393 12.64 -13.96 -7.90
C VAL A 393 13.79 -12.96 -8.03
N PHE A 394 14.90 -13.42 -8.59
CA PHE A 394 16.08 -12.59 -8.79
C PHE A 394 16.64 -13.03 -10.12
N HIS A 395 16.58 -14.34 -10.34
CA HIS A 395 17.05 -14.96 -11.57
C HIS A 395 15.85 -15.11 -12.47
N GLN A 396 14.85 -14.28 -12.22
CA GLN A 396 13.64 -14.27 -13.01
C GLN A 396 13.61 -12.97 -13.79
N GLU A 397 13.62 -13.07 -15.11
CA GLU A 397 13.56 -11.88 -15.94
C GLU A 397 12.10 -11.47 -16.02
N MET A 398 11.82 -10.19 -15.79
CA MET A 398 10.44 -9.75 -15.84
C MET A 398 10.27 -8.34 -16.37
N LEU A 399 9.23 -8.17 -17.16
CA LEU A 399 8.89 -6.87 -17.73
C LEU A 399 7.59 -6.52 -17.04
N ASN A 400 7.43 -5.28 -16.62
CA ASN A 400 6.21 -4.89 -15.95
C ASN A 400 5.44 -3.86 -16.79
N TYR A 401 4.15 -3.68 -16.49
CA TYR A 401 3.33 -2.76 -17.26
C TYR A 401 1.94 -2.52 -16.68
N VAL A 402 1.51 -1.25 -16.69
CA VAL A 402 0.20 -0.85 -16.19
C VAL A 402 -0.94 -1.41 -17.05
N LEU A 403 -1.88 -2.10 -16.41
CA LEU A 403 -3.01 -2.67 -17.12
C LEU A 403 -4.31 -2.14 -16.50
N SER A 404 -5.36 -2.97 -16.56
CA SER A 404 -6.62 -2.56 -15.98
C SER A 404 -7.61 -3.68 -15.64
N PRO A 405 -8.31 -3.53 -14.49
CA PRO A 405 -8.12 -2.37 -13.61
C PRO A 405 -6.72 -2.26 -13.00
N PHE A 406 -6.51 -1.26 -12.14
CA PHE A 406 -5.19 -1.04 -11.57
C PHE A 406 -5.21 -0.07 -10.38
N TYR A 407 -4.47 -0.38 -9.32
CA TYR A 407 -4.41 0.52 -8.15
C TYR A 407 -3.28 1.53 -8.44
N TYR A 408 -3.59 2.82 -8.43
CA TYR A 408 -2.61 3.87 -8.73
C TYR A 408 -2.20 4.64 -7.51
N TYR A 409 -1.14 5.45 -7.65
CA TYR A 409 -0.66 6.28 -6.57
C TYR A 409 -1.51 7.53 -6.69
N GLN A 410 -1.31 8.51 -5.81
CA GLN A 410 -2.09 9.75 -5.86
C GLN A 410 -1.27 10.87 -5.24
N ILE A 411 -1.61 12.12 -5.54
CA ILE A 411 -0.85 13.22 -4.98
C ILE A 411 -1.23 13.44 -3.54
N GLU A 412 -0.25 13.81 -2.73
CA GLU A 412 -0.52 14.06 -1.32
C GLU A 412 -1.67 15.05 -1.23
N PRO A 413 -2.83 14.59 -0.76
CA PRO A 413 -4.00 15.44 -0.62
C PRO A 413 -3.70 16.87 -0.19
N TRP A 414 -2.93 17.02 0.89
CA TRP A 414 -2.62 18.35 1.38
C TRP A 414 -1.93 19.24 0.34
N LYS A 415 -1.36 18.64 -0.68
CA LYS A 415 -0.70 19.43 -1.72
C LYS A 415 -1.78 20.08 -2.58
N THR A 416 -2.64 19.24 -3.16
CA THR A 416 -3.73 19.70 -4.02
C THR A 416 -5.09 19.67 -3.32
N HIS A 417 -5.32 20.61 -2.41
CA HIS A 417 -6.60 20.62 -1.74
C HIS A 417 -7.17 22.00 -1.51
N ILE A 418 -8.28 22.26 -2.19
CA ILE A 418 -8.99 23.52 -2.08
C ILE A 418 -9.61 23.53 -0.67
N TRP A 419 -8.96 24.21 0.26
CA TRP A 419 -9.47 24.23 1.64
C TRP A 419 -10.77 25.01 1.77
N GLN A 420 -11.88 24.29 1.60
CA GLN A 420 -13.22 24.84 1.70
C GLN A 420 -13.41 25.66 2.97
N ASN A 421 -12.46 25.53 3.89
CA ASN A 421 -12.49 26.27 5.14
C ASN A 421 -12.34 27.75 4.81
N GLU A 422 -13.47 28.46 4.76
CA GLU A 422 -13.46 29.89 4.42
C GLU A 422 -13.89 30.78 5.59
#